data_3VJD
#
_entry.id   3VJD
#
_cell.length_a   79.587
_cell.length_b   79.587
_cell.length_c   90.757
_cell.angle_alpha   90.00
_cell.angle_beta   90.00
_cell.angle_gamma   120.00
#
_symmetry.space_group_name_H-M   'P 32 2 1'
#
loop_
_entity.id
_entity.type
_entity.pdbx_description
1 polymer 'Dehydrosqualene synthase'
2 non-polymer 'L(+)-TARTARIC ACID'
3 water water
#
_entity_poly.entity_id   1
_entity_poly.type   'polypeptide(L)'
_entity_poly.pdbx_seq_one_letter_code
;AAAAAAMTMMDMNFKYCHKIMKKHSKSFSYAFDLLPEDQRKAVWAIYAVCRKIDDSIDVYGDIQFLNQIKEDIQSIEKYP
YEYHHFQSDRRIMMALQHVAQHKNIAFQSFYNLIDTVYKDQHFTMFETDAELFGYCYGVAGTVGEVLTPILSDHETHQTY
DVARRLGESLQLINILRDVGEDFENERIYFSKQRLKQYEVDIAEVYQNGVNNHYIDLWEYYAAIAEKDFRDVMDQIKVFS
IEAQPIIELAARIAIEILDEVRQANYTLHERVFVEKRKKAKLFHEINSKYHRI
;
_entity_poly.pdbx_strand_id   A
#
loop_
_chem_comp.id
_chem_comp.type
_chem_comp.name
_chem_comp.formula
TLA non-polymer 'L(+)-TARTARIC ACID' 'C4 H6 O6'
#
# COMPACT_ATOMS: atom_id res chain seq x y z
N MET A 7 29.59 -3.96 2.85
CA MET A 7 28.31 -4.25 2.14
C MET A 7 28.38 -5.60 1.44
N THR A 8 27.50 -6.52 1.81
CA THR A 8 27.42 -7.82 1.13
C THR A 8 26.47 -7.77 -0.06
N MET A 9 26.50 -8.81 -0.89
CA MET A 9 25.52 -8.95 -1.95
C MET A 9 24.10 -8.87 -1.40
N MET A 10 23.83 -9.54 -0.27
CA MET A 10 22.46 -9.51 0.26
C MET A 10 22.10 -8.10 0.71
N ASP A 11 23.06 -7.39 1.30
CA ASP A 11 22.81 -6.00 1.66
C ASP A 11 22.41 -5.19 0.44
N MET A 12 23.11 -5.42 -0.67
CA MET A 12 22.76 -4.70 -1.89
C MET A 12 21.36 -5.05 -2.36
N ASN A 13 20.94 -6.31 -2.21
CA ASN A 13 19.57 -6.68 -2.60
C ASN A 13 18.52 -5.91 -1.79
N PHE A 14 18.73 -5.86 -0.48
CA PHE A 14 17.85 -5.08 0.39
C PHE A 14 17.89 -3.58 0.11
N LYS A 15 19.07 -3.04 -0.22
CA LYS A 15 19.19 -1.61 -0.52
C LYS A 15 18.38 -1.28 -1.79
N TYR A 16 18.41 -2.17 -2.78
CA TYR A 16 17.59 -1.97 -3.98
C TYR A 16 16.09 -2.01 -3.64
N CYS A 17 15.68 -2.97 -2.82
CA CYS A 17 14.29 -2.98 -2.35
C CYS A 17 13.91 -1.68 -1.64
N HIS A 18 14.82 -1.17 -0.81
CA HIS A 18 14.59 0.10 -0.14
C HIS A 18 14.36 1.22 -1.16
N LYS A 19 15.19 1.26 -2.20
CA LYS A 19 15.06 2.29 -3.25
C LYS A 19 13.68 2.26 -3.90
N ILE A 20 13.19 1.04 -4.17
CA ILE A 20 11.85 0.88 -4.74
C ILE A 20 10.80 1.44 -3.79
N MET A 21 10.86 1.14 -2.49
CA MET A 21 9.86 1.66 -1.57
C MET A 21 9.93 3.17 -1.42
N LYS A 22 11.14 3.71 -1.33
CA LYS A 22 11.29 5.16 -1.14
C LYS A 22 10.71 5.95 -2.32
N LYS A 23 10.84 5.39 -3.51
CA LYS A 23 10.35 6.04 -4.73
C LYS A 23 8.82 5.97 -4.81
N HIS A 24 8.26 4.81 -4.50
CA HIS A 24 6.84 4.59 -4.75
C HIS A 24 5.88 4.75 -3.57
N SER A 25 6.44 4.87 -2.36
CA SER A 25 5.64 5.34 -1.23
C SER A 25 6.35 6.52 -0.62
N LYS A 26 6.29 7.63 -1.36
CA LYS A 26 6.85 8.86 -0.81
C LYS A 26 6.08 9.27 0.45
N SER A 27 4.81 8.88 0.53
CA SER A 27 4.01 9.25 1.70
C SER A 27 4.40 8.48 2.95
N PHE A 28 4.53 7.16 2.82
CA PHE A 28 4.62 6.27 3.98
C PHE A 28 5.98 5.61 4.24
N SER A 29 6.89 5.69 3.27
CA SER A 29 8.25 5.13 3.45
C SER A 29 8.89 5.66 4.72
N TYR A 30 8.71 6.95 4.98
CA TYR A 30 9.36 7.59 6.10
C TYR A 30 9.01 6.86 7.39
N ALA A 31 7.76 6.43 7.54
CA ALA A 31 7.33 5.77 8.77
C ALA A 31 7.95 4.40 8.91
N PHE A 32 7.88 3.60 7.84
CA PHE A 32 8.36 2.24 7.98
C PHE A 32 9.87 2.18 8.14
N ASP A 33 10.56 3.22 7.70
CA ASP A 33 12.01 3.26 7.87
C ASP A 33 12.45 3.50 9.30
N LEU A 34 11.50 3.83 10.18
CA LEU A 34 11.78 4.03 11.60
C LEU A 34 11.77 2.72 12.37
N LEU A 35 11.36 1.61 11.74
CA LEU A 35 11.38 0.30 12.38
C LEU A 35 12.82 -0.17 12.64
N PRO A 36 13.00 -1.11 13.57
CA PRO A 36 14.31 -1.72 13.74
C PRO A 36 14.78 -2.35 12.43
N GLU A 37 16.11 -2.39 12.27
CA GLU A 37 16.72 -2.81 11.03
C GLU A 37 16.18 -4.10 10.41
N ASP A 38 16.08 -5.18 11.17
CA ASP A 38 15.61 -6.43 10.58
C ASP A 38 14.17 -6.35 10.11
N GLN A 39 13.36 -5.58 10.82
CA GLN A 39 11.97 -5.42 10.44
C GLN A 39 11.86 -4.52 9.22
N ARG A 40 12.56 -3.39 9.20
CA ARG A 40 12.40 -2.49 8.05
C ARG A 40 12.92 -3.18 6.80
N LYS A 41 14.01 -3.94 6.89
CA LYS A 41 14.52 -4.65 5.70
C LYS A 41 13.47 -5.60 5.14
N ALA A 42 12.76 -6.32 6.02
CA ALA A 42 11.71 -7.23 5.53
C ALA A 42 10.59 -6.44 4.89
N VAL A 43 10.21 -5.31 5.48
CA VAL A 43 9.20 -4.47 4.84
C VAL A 43 9.65 -4.03 3.45
N TRP A 44 10.91 -3.63 3.30
CA TRP A 44 11.41 -3.20 2.00
C TRP A 44 11.25 -4.32 0.97
N ALA A 45 11.66 -5.53 1.34
CA ALA A 45 11.60 -6.64 0.40
C ALA A 45 10.16 -6.96 -0.01
N ILE A 46 9.28 -7.05 0.97
CA ILE A 46 7.89 -7.39 0.67
C ILE A 46 7.23 -6.28 -0.14
N TYR A 47 7.46 -5.04 0.29
CA TYR A 47 6.91 -3.88 -0.43
C TYR A 47 7.43 -3.88 -1.87
N ALA A 48 8.74 -4.12 -2.05
CA ALA A 48 9.34 -4.05 -3.39
C ALA A 48 8.77 -5.12 -4.32
N VAL A 49 8.57 -6.33 -3.79
CA VAL A 49 7.95 -7.37 -4.62
C VAL A 49 6.56 -6.92 -5.06
N CYS A 50 5.78 -6.44 -4.09
CA CYS A 50 4.42 -6.00 -4.40
C CYS A 50 4.37 -4.86 -5.41
N ARG A 51 5.31 -3.93 -5.30
CA ARG A 51 5.37 -2.80 -6.21
C ARG A 51 5.76 -3.25 -7.61
N LYS A 52 6.71 -4.16 -7.70
CA LYS A 52 7.16 -4.66 -9.00
C LYS A 52 6.02 -5.41 -9.66
N ILE A 53 5.21 -6.12 -8.87
CA ILE A 53 4.04 -6.76 -9.44
C ILE A 53 3.07 -5.70 -9.97
N ASP A 54 2.76 -4.73 -9.12
CA ASP A 54 1.74 -3.75 -9.51
CA ASP A 54 1.83 -3.64 -9.43
C ASP A 54 2.13 -2.93 -10.74
N ASP A 55 3.41 -2.61 -10.90
CA ASP A 55 3.89 -1.79 -12.01
C ASP A 55 4.18 -2.57 -13.27
N SER A 56 4.19 -3.90 -13.20
CA SER A 56 4.80 -4.68 -14.27
C SER A 56 4.11 -4.54 -15.62
N ILE A 57 2.78 -4.58 -15.68
CA ILE A 57 2.16 -4.53 -17.00
C ILE A 57 2.38 -3.17 -17.68
N ASP A 58 2.37 -2.11 -16.88
CA ASP A 58 2.62 -0.77 -17.42
C ASP A 58 4.09 -0.60 -17.82
N VAL A 59 5.01 -1.09 -17.00
CA VAL A 59 6.43 -0.92 -17.31
C VAL A 59 6.81 -1.68 -18.57
N TYR A 60 6.36 -2.93 -18.66
CA TYR A 60 6.76 -3.79 -19.78
C TYR A 60 5.82 -3.80 -20.97
N GLY A 61 4.54 -3.51 -20.71
CA GLY A 61 3.57 -3.48 -21.80
C GLY A 61 2.99 -4.85 -22.12
N ASP A 62 3.28 -5.85 -21.30
CA ASP A 62 2.70 -7.20 -21.44
C ASP A 62 2.76 -7.90 -20.09
N ILE A 63 2.39 -9.17 -20.06
CA ILE A 63 2.34 -9.90 -18.79
C ILE A 63 3.50 -10.86 -18.53
N GLN A 64 4.56 -10.79 -19.33
CA GLN A 64 5.66 -11.74 -19.17
C GLN A 64 6.34 -11.65 -17.80
N PHE A 65 6.68 -10.44 -17.39
CA PHE A 65 7.39 -10.26 -16.14
C PHE A 65 6.46 -10.71 -15.00
N LEU A 66 5.17 -10.41 -15.15
CA LEU A 66 4.24 -10.78 -14.12
C LEU A 66 4.21 -12.29 -13.94
N ASN A 67 4.19 -13.03 -15.05
CA ASN A 67 4.22 -14.48 -15.00
C ASN A 67 5.51 -15.01 -14.38
N GLN A 68 6.62 -14.37 -14.73
CA GLN A 68 7.91 -14.77 -14.15
C GLN A 68 7.95 -14.59 -12.64
N ILE A 69 7.42 -13.46 -12.17
CA ILE A 69 7.38 -13.14 -10.73
CA ILE A 69 7.47 -13.22 -10.74
C ILE A 69 6.58 -14.20 -10.00
N LYS A 70 5.43 -14.55 -10.58
CA LYS A 70 4.60 -15.58 -9.94
C LYS A 70 5.39 -16.87 -9.81
N GLU A 71 6.08 -17.25 -10.88
CA GLU A 71 6.85 -18.49 -10.85
C GLU A 71 7.96 -18.42 -9.81
N ASP A 72 8.60 -17.26 -9.70
CA ASP A 72 9.69 -17.12 -8.73
C ASP A 72 9.16 -17.25 -7.32
N ILE A 73 8.01 -16.61 -7.04
CA ILE A 73 7.40 -16.72 -5.71
C ILE A 73 7.01 -18.17 -5.44
N GLN A 74 6.47 -18.85 -6.44
CA GLN A 74 6.13 -20.26 -6.25
C GLN A 74 7.37 -21.09 -5.91
N SER A 75 8.50 -20.79 -6.54
CA SER A 75 9.76 -21.48 -6.26
C SER A 75 10.17 -21.31 -4.80
N ILE A 76 10.07 -20.07 -4.30
CA ILE A 76 10.42 -19.80 -2.91
C ILE A 76 9.49 -20.55 -1.95
N GLU A 77 8.19 -20.49 -2.26
CA GLU A 77 7.20 -21.21 -1.44
C GLU A 77 7.50 -22.70 -1.37
N LYS A 78 7.80 -23.31 -2.52
CA LYS A 78 7.95 -24.78 -2.55
C LYS A 78 9.30 -25.20 -2.00
N TYR A 79 10.31 -24.39 -2.24
CA TYR A 79 11.70 -24.72 -1.95
C TYR A 79 12.44 -23.53 -1.33
N PRO A 80 12.07 -23.13 -0.11
CA PRO A 80 12.66 -21.90 0.41
C PRO A 80 14.17 -21.97 0.66
N TYR A 81 14.73 -23.18 0.76
CA TYR A 81 16.13 -23.32 1.11
C TYR A 81 17.01 -23.74 -0.06
N GLU A 82 16.43 -23.78 -1.25
CA GLU A 82 17.21 -24.13 -2.44
C GLU A 82 17.58 -22.90 -3.23
N TYR A 83 18.68 -22.99 -3.98
CA TYR A 83 19.08 -21.88 -4.84
C TYR A 83 18.26 -21.85 -6.12
N HIS A 84 17.64 -20.71 -6.40
CA HIS A 84 16.84 -20.53 -7.61
C HIS A 84 17.49 -19.58 -8.56
N HIS A 85 17.46 -19.91 -9.85
CA HIS A 85 17.81 -18.93 -10.88
C HIS A 85 16.56 -18.14 -11.21
N PHE A 86 16.35 -17.05 -10.49
CA PHE A 86 15.09 -16.32 -10.61
C PHE A 86 14.91 -15.73 -12.00
N GLN A 87 13.67 -15.76 -12.47
CA GLN A 87 13.33 -15.30 -13.81
C GLN A 87 13.01 -13.81 -13.89
N SER A 88 12.50 -13.25 -12.81
CA SER A 88 11.98 -11.89 -12.82
C SER A 88 13.07 -10.91 -12.44
N ASP A 89 13.12 -10.48 -11.19
CA ASP A 89 14.14 -9.57 -10.71
C ASP A 89 14.87 -10.29 -9.59
N ARG A 90 16.09 -10.71 -9.87
CA ARG A 90 16.84 -11.48 -8.91
C ARG A 90 17.10 -10.76 -7.59
N ARG A 91 17.32 -9.44 -7.64
CA ARG A 91 17.62 -8.72 -6.41
C ARG A 91 16.42 -8.79 -5.46
N ILE A 92 15.20 -8.54 -5.94
CA ILE A 92 14.04 -8.54 -5.05
C ILE A 92 13.71 -9.95 -4.60
N MET A 93 13.87 -10.92 -5.50
CA MET A 93 13.53 -12.30 -5.11
C MET A 93 14.53 -12.90 -4.13
N MET A 94 15.82 -12.57 -4.26
CA MET A 94 16.79 -13.02 -3.27
C MET A 94 16.47 -12.46 -1.90
N ALA A 95 16.07 -11.19 -1.86
CA ALA A 95 15.68 -10.58 -0.60
C ALA A 95 14.43 -11.23 -0.03
N LEU A 96 13.41 -11.44 -0.88
CA LEU A 96 12.18 -12.07 -0.38
C LEU A 96 12.48 -13.48 0.15
N GLN A 97 13.30 -14.23 -0.58
CA GLN A 97 13.65 -15.57 -0.15
C GLN A 97 14.36 -15.53 1.21
N HIS A 98 15.24 -14.53 1.41
CA HIS A 98 15.91 -14.36 2.68
C HIS A 98 14.88 -14.14 3.80
N VAL A 99 13.90 -13.28 3.55
CA VAL A 99 12.87 -13.05 4.55
C VAL A 99 12.09 -14.34 4.83
N ALA A 100 11.74 -15.06 3.77
CA ALA A 100 10.94 -16.26 3.88
C ALA A 100 11.64 -17.37 4.66
N GLN A 101 12.97 -17.35 4.68
CA GLN A 101 13.78 -18.29 5.45
C GLN A 101 13.74 -17.99 6.93
N HIS A 102 13.22 -16.83 7.31
CA HIS A 102 13.17 -16.38 8.71
C HIS A 102 11.75 -16.15 9.25
N LYS A 103 10.78 -15.96 8.38
CA LYS A 103 9.44 -15.53 8.76
C LYS A 103 8.40 -16.29 7.94
N ASN A 104 7.21 -16.46 8.51
CA ASN A 104 6.11 -17.09 7.80
CA ASN A 104 6.08 -17.09 7.83
C ASN A 104 5.55 -16.11 6.79
N ILE A 105 5.61 -16.46 5.51
CA ILE A 105 5.03 -15.59 4.50
C ILE A 105 3.69 -16.11 4.02
N ALA A 106 2.69 -15.24 3.92
CA ALA A 106 1.36 -15.63 3.43
C ALA A 106 1.38 -15.61 1.91
N PHE A 107 1.87 -16.69 1.31
CA PHE A 107 2.05 -16.72 -0.13
C PHE A 107 0.76 -16.48 -0.90
N GLN A 108 -0.38 -16.99 -0.40
CA GLN A 108 -1.62 -16.79 -1.13
C GLN A 108 -1.97 -15.31 -1.26
N SER A 109 -1.50 -14.49 -0.33
CA SER A 109 -1.72 -13.05 -0.45
C SER A 109 -0.97 -12.47 -1.63
N PHE A 110 0.24 -12.92 -1.89
CA PHE A 110 0.94 -12.50 -3.11
C PHE A 110 0.14 -12.97 -4.33
N TYR A 111 -0.37 -14.20 -4.30
CA TYR A 111 -1.10 -14.70 -5.47
C TYR A 111 -2.39 -13.89 -5.68
N ASN A 112 -3.06 -13.50 -4.58
CA ASN A 112 -4.24 -12.67 -4.70
C ASN A 112 -3.89 -11.31 -5.32
N LEU A 113 -2.75 -10.75 -4.91
CA LEU A 113 -2.29 -9.47 -5.48
C LEU A 113 -2.06 -9.63 -6.99
N ILE A 114 -1.35 -10.69 -7.36
CA ILE A 114 -1.05 -10.94 -8.78
C ILE A 114 -2.34 -11.08 -9.59
N ASP A 115 -3.31 -11.83 -9.06
CA ASP A 115 -4.59 -11.99 -9.74
C ASP A 115 -5.31 -10.65 -9.91
N THR A 116 -5.20 -9.80 -8.89
CA THR A 116 -5.87 -8.50 -8.97
C THR A 116 -5.21 -7.60 -10.03
N VAL A 117 -3.89 -7.59 -10.06
CA VAL A 117 -3.16 -6.72 -11.00
C VAL A 117 -3.48 -7.18 -12.42
N TYR A 118 -3.57 -8.49 -12.64
CA TYR A 118 -3.91 -8.97 -13.95
C TYR A 118 -5.32 -8.54 -14.36
N LYS A 119 -6.28 -8.66 -13.44
CA LYS A 119 -7.66 -8.30 -13.75
C LYS A 119 -7.84 -6.81 -14.02
N ASP A 120 -7.03 -6.02 -13.31
CA ASP A 120 -7.09 -4.57 -13.36
C ASP A 120 -6.25 -4.00 -14.52
N GLN A 121 -5.71 -4.86 -15.36
CA GLN A 121 -4.75 -4.37 -16.36
C GLN A 121 -5.21 -3.29 -17.33
N HIS A 122 -6.51 -3.12 -17.50
CA HIS A 122 -7.03 -2.09 -18.41
C HIS A 122 -7.49 -0.85 -17.67
N PHE A 123 -7.27 -0.81 -16.36
CA PHE A 123 -7.75 0.25 -15.48
C PHE A 123 -9.26 0.44 -15.67
N THR A 124 -9.98 -0.68 -15.64
CA THR A 124 -11.43 -0.68 -15.82
C THR A 124 -12.10 -0.07 -14.59
N MET A 125 -13.14 0.75 -14.80
CA MET A 125 -13.87 1.37 -13.70
C MET A 125 -14.71 0.37 -12.93
N PHE A 126 -14.85 0.64 -11.62
CA PHE A 126 -15.57 -0.24 -10.72
C PHE A 126 -17.03 0.17 -10.72
N GLU A 127 -17.91 -0.81 -10.81
CA GLU A 127 -19.35 -0.53 -10.85
C GLU A 127 -19.92 -0.08 -9.49
N THR A 128 -19.43 -0.68 -8.41
CA THR A 128 -19.96 -0.46 -7.07
C THR A 128 -18.77 -0.28 -6.11
N ASP A 129 -19.04 0.32 -4.94
CA ASP A 129 -18.01 0.43 -3.92
C ASP A 129 -17.53 -0.93 -3.47
N ALA A 130 -18.41 -1.93 -3.43
CA ALA A 130 -17.93 -3.25 -3.07
C ALA A 130 -16.80 -3.75 -3.98
N GLU A 131 -16.88 -3.44 -5.26
CA GLU A 131 -15.83 -3.81 -6.21
C GLU A 131 -14.59 -2.94 -5.98
N LEU A 132 -14.77 -1.64 -5.76
CA LEU A 132 -13.64 -0.81 -5.41
C LEU A 132 -12.91 -1.34 -4.17
N PHE A 133 -13.66 -1.66 -3.12
CA PHE A 133 -13.01 -2.15 -1.92
C PHE A 133 -12.42 -3.54 -2.12
N GLY A 134 -13.01 -4.36 -2.99
CA GLY A 134 -12.37 -5.62 -3.35
C GLY A 134 -11.02 -5.42 -4.02
N TYR A 135 -10.94 -4.38 -4.86
CA TYR A 135 -9.67 -4.03 -5.48
C TYR A 135 -8.68 -3.55 -4.42
N CYS A 136 -9.16 -2.75 -3.47
CA CYS A 136 -8.28 -2.26 -2.40
C CYS A 136 -7.74 -3.44 -1.59
N TYR A 137 -8.57 -4.46 -1.33
CA TYR A 137 -8.04 -5.67 -0.69
C TYR A 137 -6.93 -6.22 -1.59
N GLY A 138 -7.26 -6.43 -2.87
CA GLY A 138 -6.30 -7.13 -3.74
C GLY A 138 -4.94 -6.47 -3.83
N VAL A 139 -4.90 -5.13 -3.90
CA VAL A 139 -3.62 -4.44 -4.09
C VAL A 139 -2.93 -3.97 -2.81
N ALA A 140 -3.67 -3.93 -1.70
CA ALA A 140 -3.11 -3.32 -0.50
C ALA A 140 -3.45 -4.09 0.76
N GLY A 141 -4.68 -4.60 0.89
CA GLY A 141 -4.97 -5.52 2.00
C GLY A 141 -4.03 -6.71 1.99
N THR A 142 -3.76 -7.26 0.81
CA THR A 142 -2.84 -8.38 0.64
C THR A 142 -1.46 -7.99 1.19
N VAL A 143 -0.98 -6.79 0.89
CA VAL A 143 0.31 -6.33 1.38
C VAL A 143 0.31 -6.32 2.91
N GLY A 144 -0.79 -5.84 3.50
CA GLY A 144 -0.89 -5.85 4.95
C GLY A 144 -0.84 -7.25 5.53
N GLU A 145 -1.51 -8.19 4.86
CA GLU A 145 -1.44 -9.59 5.28
C GLU A 145 -0.01 -10.12 5.25
N VAL A 146 0.71 -9.88 4.15
CA VAL A 146 2.08 -10.40 4.07
C VAL A 146 2.97 -9.75 5.13
N LEU A 147 2.73 -8.47 5.42
CA LEU A 147 3.54 -7.78 6.42
C LEU A 147 3.21 -8.18 7.86
N THR A 148 2.11 -8.90 8.08
CA THR A 148 1.64 -9.12 9.45
C THR A 148 2.71 -9.73 10.38
N PRO A 149 3.39 -10.81 9.95
CA PRO A 149 4.41 -11.38 10.85
C PRO A 149 5.65 -10.55 11.07
N ILE A 150 5.85 -9.56 10.19
CA ILE A 150 6.94 -8.63 10.37
C ILE A 150 6.60 -7.60 11.44
N LEU A 151 5.33 -7.20 11.50
CA LEU A 151 4.89 -6.08 12.33
C LEU A 151 4.31 -6.51 13.66
N SER A 152 4.13 -7.82 13.84
CA SER A 152 3.48 -8.32 15.03
C SER A 152 4.05 -9.66 15.42
N ASP A 153 4.03 -9.97 16.71
CA ASP A 153 4.38 -11.31 17.12
C ASP A 153 3.12 -12.18 17.29
N HIS A 154 1.94 -11.61 17.08
CA HIS A 154 0.71 -12.39 17.22
C HIS A 154 0.28 -12.94 15.88
N GLU A 155 0.10 -14.24 15.78
CA GLU A 155 -0.45 -14.80 14.55
C GLU A 155 -1.90 -15.14 14.87
N THR A 156 -2.69 -14.10 15.12
CA THR A 156 -4.11 -14.28 15.36
C THR A 156 -4.88 -13.60 14.25
N HIS A 157 -6.11 -14.07 14.05
CA HIS A 157 -6.90 -13.56 12.93
C HIS A 157 -7.08 -12.05 13.06
N GLN A 158 -7.25 -11.50 14.26
CA GLN A 158 -7.50 -10.06 14.34
C GLN A 158 -6.25 -9.26 14.00
N THR A 159 -5.07 -9.80 14.19
CA THR A 159 -3.87 -9.08 13.76
CA THR A 159 -3.85 -9.12 13.77
C THR A 159 -3.81 -9.00 12.25
N TYR A 160 -4.04 -10.12 11.54
CA TYR A 160 -4.17 -10.05 10.07
C TYR A 160 -5.29 -9.11 9.66
N ASP A 161 -6.39 -9.11 10.40
CA ASP A 161 -7.52 -8.27 10.03
CA ASP A 161 -7.54 -8.26 10.07
C ASP A 161 -7.19 -6.79 10.16
N VAL A 162 -6.50 -6.41 11.23
CA VAL A 162 -6.13 -5.02 11.41
C VAL A 162 -5.11 -4.58 10.36
N ALA A 163 -4.11 -5.44 10.11
CA ALA A 163 -3.12 -5.11 9.08
C ALA A 163 -3.75 -4.99 7.70
N ARG A 164 -4.68 -5.89 7.39
CA ARG A 164 -5.39 -5.85 6.11
C ARG A 164 -6.15 -4.54 6.00
N ARG A 165 -6.87 -4.17 7.05
CA ARG A 165 -7.63 -2.91 7.05
CA ARG A 165 -7.62 -2.92 7.01
C ARG A 165 -6.69 -1.72 6.93
N LEU A 166 -5.56 -1.75 7.63
CA LEU A 166 -4.57 -0.68 7.52
C LEU A 166 -4.12 -0.56 6.06
N GLY A 167 -3.78 -1.67 5.40
CA GLY A 167 -3.34 -1.58 4.01
C GLY A 167 -4.41 -1.01 3.11
N GLU A 168 -5.62 -1.54 3.25
CA GLU A 168 -6.72 -1.01 2.42
C GLU A 168 -6.99 0.48 2.65
N SER A 169 -6.85 0.92 3.90
CA SER A 169 -7.11 2.32 4.24
C SER A 169 -6.01 3.22 3.69
N LEU A 170 -4.76 2.76 3.76
CA LEU A 170 -3.66 3.51 3.14
C LEU A 170 -3.89 3.63 1.63
N GLN A 171 -4.43 2.56 1.01
CA GLN A 171 -4.72 2.60 -0.43
C GLN A 171 -5.82 3.61 -0.73
N LEU A 172 -6.85 3.68 0.12
CA LEU A 172 -7.92 4.66 -0.10
C LEU A 172 -7.36 6.08 0.02
N ILE A 173 -6.41 6.31 0.93
CA ILE A 173 -5.74 7.60 1.02
C ILE A 173 -5.00 7.89 -0.29
N ASN A 174 -4.28 6.90 -0.82
CA ASN A 174 -3.54 7.10 -2.08
C ASN A 174 -4.56 7.53 -3.15
N ILE A 175 -5.70 6.86 -3.21
CA ILE A 175 -6.74 7.20 -4.20
C ILE A 175 -7.19 8.65 -4.02
N LEU A 176 -7.46 9.03 -2.77
CA LEU A 176 -7.98 10.37 -2.50
C LEU A 176 -6.96 11.46 -2.79
N ARG A 177 -5.67 11.14 -2.64
CA ARG A 177 -4.59 12.08 -2.91
C ARG A 177 -4.38 12.25 -4.42
N ASP A 178 -4.65 11.20 -5.19
CA ASP A 178 -4.15 11.08 -6.56
C ASP A 178 -5.22 11.14 -7.64
N VAL A 179 -6.39 11.68 -7.30
CA VAL A 179 -7.49 11.69 -8.27
C VAL A 179 -7.06 12.29 -9.60
N GLY A 180 -6.41 13.46 -9.57
CA GLY A 180 -6.04 14.14 -10.81
C GLY A 180 -4.97 13.39 -11.58
N GLU A 181 -3.91 13.02 -10.88
CA GLU A 181 -2.82 12.27 -11.49
C GLU A 181 -3.32 10.93 -12.03
N ASP A 182 -4.16 10.24 -11.28
CA ASP A 182 -4.78 9.01 -11.80
C ASP A 182 -5.63 9.27 -13.03
N PHE A 183 -6.44 10.33 -13.01
CA PHE A 183 -7.22 10.63 -14.19
C PHE A 183 -6.34 10.88 -15.43
N GLU A 184 -5.23 11.60 -15.25
CA GLU A 184 -4.32 11.88 -16.35
C GLU A 184 -3.78 10.56 -16.91
N ASN A 185 -3.67 9.57 -16.04
CA ASN A 185 -3.22 8.25 -16.43
C ASN A 185 -4.34 7.27 -16.75
N GLU A 186 -5.52 7.78 -17.07
CA GLU A 186 -6.65 6.93 -17.51
C GLU A 186 -7.23 6.01 -16.43
N ARG A 187 -7.16 6.47 -15.19
CA ARG A 187 -7.64 5.71 -14.03
C ARG A 187 -8.63 6.53 -13.23
N ILE A 188 -9.83 5.98 -13.00
CA ILE A 188 -10.76 6.53 -12.01
C ILE A 188 -11.12 5.40 -11.07
N TYR A 189 -10.91 5.62 -9.77
CA TYR A 189 -11.18 4.60 -8.78
C TYR A 189 -12.55 4.73 -8.12
N PHE A 190 -13.12 5.93 -8.07
CA PHE A 190 -14.45 6.08 -7.47
C PHE A 190 -15.44 5.21 -8.25
N SER A 191 -16.41 4.60 -7.57
CA SER A 191 -17.32 3.68 -8.28
C SER A 191 -18.33 4.44 -9.14
N LYS A 192 -18.77 3.76 -10.19
CA LYS A 192 -19.80 4.33 -11.05
C LYS A 192 -21.06 4.66 -10.25
N GLN A 193 -21.44 3.77 -9.34
CA GLN A 193 -22.61 4.00 -8.53
C GLN A 193 -22.48 5.31 -7.73
N ARG A 194 -21.34 5.54 -7.08
CA ARG A 194 -21.19 6.73 -6.22
C ARG A 194 -21.04 7.99 -7.07
N LEU A 195 -20.31 7.88 -8.18
CA LEU A 195 -20.23 8.99 -9.12
C LEU A 195 -21.61 9.44 -9.59
N LYS A 196 -22.45 8.47 -9.97
CA LYS A 196 -23.80 8.77 -10.41
C LYS A 196 -24.63 9.41 -9.30
N GLN A 197 -24.56 8.85 -8.10
CA GLN A 197 -25.30 9.38 -6.95
C GLN A 197 -24.96 10.84 -6.64
N TYR A 198 -23.68 11.18 -6.77
CA TYR A 198 -23.19 12.51 -6.44
C TYR A 198 -23.13 13.45 -7.63
N GLU A 199 -23.55 12.98 -8.81
CA GLU A 199 -23.56 13.78 -10.04
C GLU A 199 -22.16 14.31 -10.38
N VAL A 200 -21.21 13.38 -10.38
CA VAL A 200 -19.81 13.74 -10.61
C VAL A 200 -19.31 13.05 -11.86
N ASP A 201 -18.69 13.83 -12.74
CA ASP A 201 -17.95 13.28 -13.86
C ASP A 201 -16.51 13.76 -13.69
N ILE A 202 -15.59 12.84 -13.46
CA ILE A 202 -14.21 13.21 -13.17
C ILE A 202 -13.54 14.00 -14.31
N ALA A 203 -13.76 13.59 -15.56
CA ALA A 203 -13.24 14.36 -16.70
C ALA A 203 -13.72 15.81 -16.63
N GLU A 204 -15.00 15.97 -16.31
CA GLU A 204 -15.62 17.29 -16.29
C GLU A 204 -14.99 18.11 -15.16
N VAL A 205 -14.76 17.46 -14.02
CA VAL A 205 -14.15 18.14 -12.88
C VAL A 205 -12.70 18.49 -13.21
N TYR A 206 -12.01 17.59 -13.88
CA TYR A 206 -10.63 17.83 -14.27
C TYR A 206 -10.57 19.08 -15.15
N GLN A 207 -11.55 19.24 -16.04
CA GLN A 207 -11.54 20.38 -16.94
C GLN A 207 -11.95 21.67 -16.24
N ASN A 208 -13.03 21.59 -15.47
CA ASN A 208 -13.73 22.80 -15.04
C ASN A 208 -13.53 23.19 -13.58
N GLY A 209 -12.87 22.34 -12.80
CA GLY A 209 -12.53 22.64 -11.42
C GLY A 209 -13.45 21.93 -10.44
N VAL A 210 -13.06 21.94 -9.16
CA VAL A 210 -13.87 21.36 -8.09
C VAL A 210 -15.25 22.02 -8.05
N ASN A 211 -16.26 21.28 -7.63
CA ASN A 211 -17.56 21.85 -7.29
C ASN A 211 -18.04 21.18 -6.01
N ASN A 212 -19.18 21.62 -5.50
CA ASN A 212 -19.65 21.06 -4.23
C ASN A 212 -20.00 19.58 -4.32
N HIS A 213 -20.57 19.13 -5.44
CA HIS A 213 -20.83 17.71 -5.62
C HIS A 213 -19.56 16.87 -5.55
N TYR A 214 -18.49 17.31 -6.22
CA TYR A 214 -17.21 16.62 -6.16
C TYR A 214 -16.67 16.58 -4.73
N ILE A 215 -16.75 17.70 -4.03
CA ILE A 215 -16.25 17.73 -2.65
C ILE A 215 -17.04 16.77 -1.78
N ASP A 216 -18.36 16.71 -1.98
CA ASP A 216 -19.19 15.83 -1.20
C ASP A 216 -18.82 14.38 -1.48
N LEU A 217 -18.54 14.05 -2.75
CA LEU A 217 -18.12 12.70 -3.07
C LEU A 217 -16.78 12.35 -2.44
N TRP A 218 -15.82 13.26 -2.56
CA TRP A 218 -14.49 13.00 -2.02
C TRP A 218 -14.60 12.81 -0.50
N GLU A 219 -15.40 13.66 0.13
CA GLU A 219 -15.58 13.61 1.59
C GLU A 219 -16.30 12.35 2.06
N TYR A 220 -17.20 11.82 1.22
CA TYR A 220 -17.84 10.53 1.50
C TYR A 220 -16.78 9.44 1.68
N TYR A 221 -15.86 9.35 0.74
CA TYR A 221 -14.79 8.37 0.84
C TYR A 221 -13.80 8.74 1.94
N ALA A 222 -13.47 10.01 2.13
CA ALA A 222 -12.55 10.39 3.20
C ALA A 222 -13.10 9.97 4.56
N ALA A 223 -14.40 10.09 4.75
CA ALA A 223 -15.02 9.72 6.03
C ALA A 223 -14.86 8.22 6.30
N ILE A 224 -14.96 7.42 5.23
CA ILE A 224 -14.70 5.98 5.32
C ILE A 224 -13.26 5.74 5.76
N ALA A 225 -12.31 6.37 5.08
CA ALA A 225 -10.92 6.20 5.44
C ALA A 225 -10.69 6.58 6.91
N GLU A 226 -11.24 7.72 7.33
CA GLU A 226 -10.98 8.21 8.68
C GLU A 226 -11.56 7.26 9.70
N LYS A 227 -12.75 6.71 9.45
CA LYS A 227 -13.33 5.73 10.38
C LYS A 227 -12.47 4.48 10.45
N ASP A 228 -11.99 4.03 9.30
CA ASP A 228 -11.19 2.82 9.29
C ASP A 228 -9.85 3.03 10.00
N PHE A 229 -9.25 4.20 9.83
CA PHE A 229 -8.07 4.52 10.64
C PHE A 229 -8.32 4.55 12.14
N ARG A 230 -9.46 5.12 12.55
CA ARG A 230 -9.81 5.11 13.98
C ARG A 230 -9.91 3.67 14.47
N ASP A 231 -10.48 2.80 13.65
CA ASP A 231 -10.61 1.40 14.06
C ASP A 231 -9.26 0.69 14.16
N VAL A 232 -8.38 0.99 13.20
CA VAL A 232 -7.02 0.47 13.29
C VAL A 232 -6.36 0.95 14.58
N MET A 233 -6.45 2.24 14.86
CA MET A 233 -5.80 2.77 16.05
C MET A 233 -6.36 2.16 17.35
N ASP A 234 -7.65 1.86 17.39
CA ASP A 234 -8.27 1.23 18.56
C ASP A 234 -7.62 -0.14 18.81
N GLN A 235 -7.09 -0.74 17.75
CA GLN A 235 -6.44 -2.04 17.83
CA GLN A 235 -6.44 -2.06 17.83
C GLN A 235 -4.92 -1.96 17.65
N ILE A 236 -4.33 -0.81 17.95
CA ILE A 236 -2.89 -0.61 17.74
C ILE A 236 -2.04 -1.64 18.48
N LYS A 237 -2.53 -2.12 19.62
CA LYS A 237 -1.71 -3.03 20.41
C LYS A 237 -1.61 -4.44 19.86
N VAL A 238 -2.27 -4.73 18.73
CA VAL A 238 -2.03 -6.00 18.05
C VAL A 238 -0.61 -6.07 17.47
N PHE A 239 -0.02 -4.91 17.26
CA PHE A 239 1.30 -4.83 16.66
C PHE A 239 2.37 -4.89 17.74
N SER A 240 3.57 -5.30 17.34
CA SER A 240 4.69 -5.33 18.29
C SER A 240 4.93 -3.96 18.91
N ILE A 241 5.51 -3.94 20.12
CA ILE A 241 5.74 -2.64 20.75
C ILE A 241 6.59 -1.72 19.86
N GLU A 242 7.55 -2.28 19.15
CA GLU A 242 8.41 -1.51 18.27
C GLU A 242 7.64 -0.97 17.06
N ALA A 243 6.68 -1.75 16.53
CA ALA A 243 5.93 -1.32 15.37
C ALA A 243 4.81 -0.32 15.70
N GLN A 244 4.32 -0.33 16.94
CA GLN A 244 3.17 0.51 17.26
C GLN A 244 3.35 1.99 16.93
N PRO A 245 4.48 2.61 17.33
CA PRO A 245 4.54 4.03 17.00
C PRO A 245 4.68 4.27 15.50
N ILE A 246 5.24 3.29 14.78
CA ILE A 246 5.41 3.44 13.35
C ILE A 246 4.06 3.36 12.64
N ILE A 247 3.22 2.44 13.10
CA ILE A 247 1.87 2.30 12.57
CA ILE A 247 1.89 2.33 12.54
C ILE A 247 1.04 3.53 12.91
N GLU A 248 1.15 4.00 14.15
CA GLU A 248 0.44 5.23 14.52
C GLU A 248 0.88 6.40 13.64
N LEU A 249 2.18 6.46 13.35
CA LEU A 249 2.68 7.54 12.49
C LEU A 249 2.14 7.39 11.08
N ALA A 250 2.09 6.18 10.53
CA ALA A 250 1.53 6.03 9.18
C ALA A 250 0.07 6.48 9.15
N ALA A 251 -0.70 6.13 10.18
CA ALA A 251 -2.08 6.59 10.28
C ALA A 251 -2.20 8.11 10.44
N ARG A 252 -1.27 8.71 11.17
CA ARG A 252 -1.31 10.17 11.33
C ARG A 252 -0.94 10.88 10.04
N ILE A 253 0.05 10.34 9.33
CA ILE A 253 0.44 10.89 8.03
C ILE A 253 -0.74 10.77 7.05
N ALA A 254 -1.45 9.65 7.09
CA ALA A 254 -2.64 9.48 6.26
C ALA A 254 -3.68 10.58 6.47
N ILE A 255 -3.99 10.86 7.72
CA ILE A 255 -4.97 11.90 8.06
C ILE A 255 -4.45 13.28 7.64
N GLU A 256 -3.15 13.48 7.80
CA GLU A 256 -2.52 14.73 7.38
C GLU A 256 -2.62 14.91 5.88
N ILE A 257 -2.48 13.83 5.10
CA ILE A 257 -2.65 13.92 3.65
C ILE A 257 -4.07 14.38 3.33
N LEU A 258 -5.07 13.81 3.99
CA LEU A 258 -6.44 14.26 3.76
C LEU A 258 -6.58 15.75 4.06
N ASP A 259 -5.97 16.22 5.14
CA ASP A 259 -6.03 17.65 5.46
C ASP A 259 -5.29 18.51 4.44
N GLU A 260 -4.18 18.00 3.90
CA GLU A 260 -3.47 18.70 2.82
C GLU A 260 -4.33 18.84 1.57
N VAL A 261 -5.02 17.76 1.20
CA VAL A 261 -5.92 17.82 0.05
C VAL A 261 -7.01 18.87 0.27
N ARG A 262 -7.59 18.87 1.46
CA ARG A 262 -8.62 19.85 1.78
C ARG A 262 -8.08 21.28 1.71
N GLN A 263 -6.88 21.48 2.24
CA GLN A 263 -6.29 22.82 2.25
C GLN A 263 -5.97 23.33 0.84
N ALA A 264 -5.70 22.39 -0.06
CA ALA A 264 -5.42 22.66 -1.47
C ALA A 264 -6.70 22.65 -2.29
N ASN A 265 -7.84 22.73 -1.61
CA ASN A 265 -9.14 22.83 -2.27
C ASN A 265 -9.37 21.69 -3.24
N TYR A 266 -8.89 20.52 -2.81
CA TYR A 266 -9.18 19.25 -3.45
C TYR A 266 -8.70 19.24 -4.90
N THR A 267 -7.61 19.95 -5.15
CA THR A 267 -7.15 20.14 -6.51
C THR A 267 -6.86 18.85 -7.28
N LEU A 268 -7.29 18.81 -8.53
CA LEU A 268 -6.92 17.74 -9.46
C LEU A 268 -5.66 18.01 -10.25
N HIS A 269 -5.02 19.14 -9.98
CA HIS A 269 -3.90 19.59 -10.79
C HIS A 269 -2.57 19.76 -10.06
N GLU A 270 -2.50 19.25 -8.84
CA GLU A 270 -1.26 19.18 -8.08
C GLU A 270 -1.24 17.85 -7.34
N ARG A 271 -0.03 17.39 -7.03
CA ARG A 271 0.19 16.27 -6.14
C ARG A 271 0.49 16.85 -4.76
N VAL A 272 -0.46 16.77 -3.84
CA VAL A 272 -0.26 17.29 -2.50
C VAL A 272 0.53 16.25 -1.73
N PHE A 273 1.27 16.69 -0.73
CA PHE A 273 2.02 15.74 0.07
C PHE A 273 2.35 16.34 1.43
N VAL A 274 2.67 15.46 2.38
CA VAL A 274 3.19 15.90 3.67
C VAL A 274 4.70 16.02 3.62
N GLU A 275 5.20 17.20 4.01
CA GLU A 275 6.63 17.46 4.11
C GLU A 275 7.33 16.51 5.06
N LYS A 276 8.54 16.09 4.68
CA LYS A 276 9.37 15.28 5.56
C LYS A 276 9.48 15.92 6.93
N ARG A 277 9.76 17.22 6.96
CA ARG A 277 9.85 17.93 8.23
C ARG A 277 8.58 17.83 9.06
N LYS A 278 7.42 17.84 8.41
CA LYS A 278 6.16 17.68 9.12
C LYS A 278 5.97 16.27 9.64
N LYS A 279 6.43 15.28 8.88
CA LYS A 279 6.39 13.90 9.37
C LYS A 279 7.22 13.77 10.64
N ALA A 280 8.37 14.44 10.70
CA ALA A 280 9.19 14.41 11.91
C ALA A 280 8.45 14.99 13.10
N LYS A 281 7.71 16.08 12.86
CA LYS A 281 6.95 16.71 13.93
C LYS A 281 5.85 15.78 14.43
N LEU A 282 5.13 15.19 13.48
CA LEU A 282 4.08 14.23 13.85
C LEU A 282 4.67 13.07 14.65
N PHE A 283 5.84 12.59 14.23
CA PHE A 283 6.45 11.49 14.97
C PHE A 283 6.89 11.90 16.36
N HIS A 284 7.41 13.12 16.50
CA HIS A 284 7.84 13.59 17.80
C HIS A 284 6.68 13.56 18.78
N GLU A 285 5.50 13.99 18.31
CA GLU A 285 4.29 14.04 19.13
C GLU A 285 3.89 12.63 19.54
N ILE A 286 3.92 11.72 18.57
CA ILE A 286 3.54 10.33 18.82
C ILE A 286 4.55 9.58 19.69
N ASN A 287 5.82 9.66 19.31
CA ASN A 287 6.83 8.83 19.96
C ASN A 287 7.01 9.23 21.43
N SER A 288 6.67 10.47 21.77
CA SER A 288 6.74 10.93 23.15
C SER A 288 5.75 10.21 24.07
N LYS A 289 4.81 9.47 23.49
CA LYS A 289 3.88 8.69 24.30
C LYS A 289 4.43 7.30 24.61
N TYR A 290 5.47 6.89 23.88
CA TYR A 290 6.01 5.53 23.93
C TYR A 290 7.32 5.38 24.69
O1 TLA B . 3.22 7.61 -1.57
O11 TLA B . 3.04 9.72 -2.14
C1 TLA B . 3.09 8.50 -2.43
C2 TLA B . 2.98 8.13 -3.90
O2 TLA B . 2.71 6.73 -4.10
C3 TLA B . 4.25 8.54 -4.65
O3 TLA B . 5.39 7.91 -4.06
C4 TLA B . 4.18 8.17 -6.10
O4 TLA B . 5.06 7.44 -6.57
O41 TLA B . 3.25 8.63 -6.80
#